data_7WKY
#
_entry.id   7WKY
#
_cell.length_a   140.846
_cell.length_b   140.846
_cell.length_c   131.832
_cell.angle_alpha   90.000
_cell.angle_beta   90.000
_cell.angle_gamma   120.000
#
_symmetry.space_group_name_H-M   'P 61 2 2'
#
loop_
_entity.id
_entity.type
_entity.pdbx_description
1 polymer 'Bromodomain-containing protein 4'
2 non-polymer 2-(2-cyclopentyl-1~{H}-imidazol-5-yl)-7-[2-(4-fluoranyl-2,6-dimethyl-phenoxy)-5-(2-oxidanylpropan-2-yl)phenyl]-5-methyl-furo[3,2-c]pyridin-4-one
3 non-polymer GLYCEROL
4 water water
#
_entity_poly.entity_id   1
_entity_poly.type   'polypeptide(L)'
_entity_poly.pdbx_seq_one_letter_code
;MKKGHHHHHHLVPRGSNPPPPETSNPNKPKRQTNQLQYLLRVVLKTLWKHQFAWPFQQPVDAVKLNLPDYYKIIKTPMDM
GTIKKRLENNYYWNAQECIQDFNTMFTNCYIYNKPGDDIVLMAEALEKLFLQKINELPTEE
;
_entity_poly.pdbx_strand_id   A,B,C
#
loop_
_chem_comp.id
_chem_comp.type
_chem_comp.name
_chem_comp.formula
GOL non-polymer GLYCEROL 'C3 H8 O3'
JFR non-polymer 2-(2-cyclopentyl-1~{H}-imidazol-5-yl)-7-[2-(4-fluoranyl-2,6-dimethyl-phenoxy)-5-(2-oxidanylpropan-2-yl)phenyl]-5-methyl-furo[3,2-c]pyridin-4-one 'C33 H34 F N3 O4'
#
# COMPACT_ATOMS: atom_id res chain seq x y z
N ARG A 31 8.94 12.18 26.18
CA ARG A 31 8.52 11.21 25.13
C ARG A 31 7.48 11.81 24.17
N GLN A 32 7.76 12.98 23.61
CA GLN A 32 6.73 13.86 23.02
C GLN A 32 5.82 13.17 21.96
N THR A 33 4.50 13.36 22.14
CA THR A 33 3.44 12.73 21.34
C THR A 33 2.78 13.66 20.29
N ASN A 34 2.69 14.96 20.58
CA ASN A 34 2.45 15.98 19.55
C ASN A 34 3.40 15.75 18.36
N GLN A 35 4.68 15.47 18.66
CA GLN A 35 5.74 15.32 17.65
C GLN A 35 5.68 13.99 16.89
N LEU A 36 5.59 12.89 17.63
CA LEU A 36 5.35 11.57 17.04
C LEU A 36 4.13 11.56 16.12
N GLN A 37 3.03 12.18 16.57
CA GLN A 37 1.85 12.34 15.73
C GLN A 37 2.14 13.19 14.49
N TYR A 38 2.86 14.30 14.67
CA TYR A 38 3.31 15.14 13.55
C TYR A 38 4.13 14.31 12.56
N LEU A 39 5.09 13.54 13.06
CA LEU A 39 5.94 12.72 12.21
C LEU A 39 5.15 11.78 11.30
N LEU A 40 4.07 11.22 11.83
CA LEU A 40 3.24 10.27 11.10
C LEU A 40 2.36 10.94 10.07
N ARG A 41 1.59 11.91 10.53
CA ARG A 41 0.58 12.56 9.73
C ARG A 41 1.11 13.58 8.76
N VAL A 42 2.24 14.20 9.07
CA VAL A 42 2.82 15.28 8.24
C VAL A 42 4.16 14.85 7.58
N VAL A 43 5.17 14.49 8.37
CA VAL A 43 6.49 14.22 7.79
C VAL A 43 6.42 12.99 6.89
N LEU A 44 6.00 11.86 7.47
CA LEU A 44 5.92 10.60 6.76
C LEU A 44 4.95 10.67 5.60
N LYS A 45 3.79 11.27 5.84
CA LYS A 45 2.77 11.41 4.79
C LYS A 45 3.40 12.12 3.60
N THR A 46 4.12 13.23 3.82
CA THR A 46 4.70 14.02 2.70
C THR A 46 5.76 13.29 1.92
N LEU A 47 6.68 12.67 2.64
CA LEU A 47 7.75 11.87 2.04
C LEU A 47 7.18 10.68 1.28
N TRP A 48 6.19 10.03 1.86
CA TRP A 48 5.62 8.84 1.26
C TRP A 48 4.95 9.13 -0.11
N LYS A 49 4.30 10.30 -0.23
CA LYS A 49 3.69 10.78 -1.49
C LYS A 49 4.69 11.17 -2.56
N HIS A 50 5.95 11.32 -2.20
CA HIS A 50 6.93 11.87 -3.12
C HIS A 50 7.19 10.91 -4.25
N GLN A 51 7.55 11.45 -5.40
CA GLN A 51 7.77 10.63 -6.62
C GLN A 51 8.93 9.67 -6.48
N PHE A 52 9.87 10.01 -5.59
CA PHE A 52 11.05 9.21 -5.34
C PHE A 52 10.94 8.29 -4.12
N ALA A 53 9.77 8.22 -3.49
CA ALA A 53 9.60 7.43 -2.27
C ALA A 53 9.65 5.92 -2.47
N TRP A 54 9.22 5.43 -3.63
CA TRP A 54 8.96 3.99 -3.78
C TRP A 54 10.11 3.03 -3.42
N PRO A 55 11.39 3.40 -3.69
CA PRO A 55 12.46 2.43 -3.34
C PRO A 55 12.80 2.44 -1.86
N PHE A 56 12.19 3.35 -1.12
CA PHE A 56 12.34 3.41 0.33
C PHE A 56 11.08 3.02 1.10
N GLN A 57 10.04 2.54 0.43
CA GLN A 57 8.79 2.19 1.11
C GLN A 57 8.80 0.79 1.70
N GLN A 58 9.85 0.04 1.42
CA GLN A 58 10.07 -1.30 1.98
C GLN A 58 11.58 -1.54 2.15
N PRO A 59 11.96 -2.63 2.85
CA PRO A 59 13.36 -2.92 2.97
C PRO A 59 14.01 -3.27 1.68
N VAL A 60 15.31 -3.10 1.65
CA VAL A 60 16.05 -3.36 0.44
C VAL A 60 16.07 -4.85 0.34
N ASP A 61 15.41 -5.42 -0.68
CA ASP A 61 15.43 -6.87 -0.90
C ASP A 61 16.71 -7.24 -1.60
N ALA A 62 17.73 -7.57 -0.80
CA ALA A 62 19.07 -7.90 -1.32
C ALA A 62 19.13 -9.19 -2.16
N VAL A 63 18.16 -10.08 -1.99
CA VAL A 63 18.04 -11.26 -2.87
C VAL A 63 17.53 -10.86 -4.28
N LYS A 64 16.34 -10.27 -4.36
CA LYS A 64 15.82 -9.73 -5.64
C LYS A 64 16.88 -8.96 -6.40
N LEU A 65 17.46 -7.97 -5.74
CA LEU A 65 18.43 -7.07 -6.36
C LEU A 65 19.84 -7.63 -6.51
N ASN A 66 20.09 -8.81 -5.93
CA ASN A 66 21.33 -9.55 -6.14
C ASN A 66 22.54 -8.73 -5.60
N LEU A 67 22.45 -8.48 -4.29
CA LEU A 67 23.42 -7.70 -3.51
C LEU A 67 23.77 -8.52 -2.24
N PRO A 68 24.72 -9.47 -2.37
CA PRO A 68 25.02 -10.37 -1.22
C PRO A 68 25.67 -9.65 0.00
N ASP A 69 26.46 -8.61 -0.28
CA ASP A 69 27.17 -7.81 0.73
C ASP A 69 26.31 -6.77 1.53
N TYR A 70 25.16 -6.36 0.98
CA TYR A 70 24.31 -5.32 1.58
C TYR A 70 24.08 -5.48 3.08
N TYR A 71 23.68 -6.67 3.50
CA TYR A 71 23.29 -6.85 4.90
C TYR A 71 24.49 -7.00 5.83
N LYS A 72 25.69 -7.19 5.28
CA LYS A 72 26.94 -7.23 6.06
C LYS A 72 27.49 -5.81 6.22
N ILE A 73 27.38 -5.02 5.15
CA ILE A 73 27.77 -3.60 5.17
C ILE A 73 26.81 -2.71 5.96
N ILE A 74 25.51 -2.90 5.76
CA ILE A 74 24.51 -2.11 6.45
C ILE A 74 23.99 -2.87 7.68
N LYS A 75 24.48 -2.42 8.83
CA LYS A 75 24.27 -3.13 10.08
C LYS A 75 22.88 -2.82 10.67
N THR A 76 22.25 -1.75 10.21
CA THR A 76 20.94 -1.30 10.70
C THR A 76 20.11 -0.84 9.51
N PRO A 77 19.50 -1.80 8.81
CA PRO A 77 18.71 -1.42 7.64
C PRO A 77 17.51 -0.59 8.07
N MET A 78 17.06 0.29 7.21
CA MET A 78 15.90 1.09 7.52
C MET A 78 15.23 1.61 6.25
N ASP A 79 13.92 1.77 6.37
CA ASP A 79 13.04 2.22 5.29
C ASP A 79 11.77 2.81 5.90
N MET A 80 11.00 3.51 5.08
CA MET A 80 9.78 4.17 5.56
C MET A 80 8.67 3.17 5.87
N GLY A 81 8.71 1.99 5.24
CA GLY A 81 7.79 0.92 5.61
C GLY A 81 7.92 0.63 7.09
N THR A 82 9.15 0.42 7.52
CA THR A 82 9.42 0.09 8.91
C THR A 82 9.12 1.26 9.82
N ILE A 83 9.47 2.48 9.42
CA ILE A 83 9.20 3.66 10.24
C ILE A 83 7.70 3.81 10.46
N LYS A 84 6.96 3.69 9.37
CA LYS A 84 5.48 3.73 9.40
C LYS A 84 4.93 2.71 10.37
N LYS A 85 5.38 1.46 10.25
CA LYS A 85 4.94 0.41 11.16
C LYS A 85 5.23 0.85 12.59
N ARG A 86 6.45 1.32 12.84
CA ARG A 86 6.85 1.78 14.16
C ARG A 86 6.00 2.91 14.75
N LEU A 87 5.54 3.82 13.89
CA LEU A 87 4.69 4.91 14.34
C LEU A 87 3.27 4.42 14.60
N GLU A 88 2.79 3.54 13.73
CA GLU A 88 1.48 2.91 13.88
C GLU A 88 1.38 1.88 15.04
N ASN A 89 2.53 1.44 15.56
CA ASN A 89 2.52 0.42 16.63
C ASN A 89 3.31 0.76 17.87
N ASN A 90 3.47 2.06 18.15
CA ASN A 90 3.97 2.54 19.45
C ASN A 90 5.36 2.02 19.79
N TYR A 91 6.19 1.88 18.77
CA TYR A 91 7.52 1.39 18.97
C TYR A 91 8.37 2.46 19.61
N TYR A 92 8.29 3.67 19.08
CA TYR A 92 9.27 4.70 19.43
C TYR A 92 9.09 5.21 20.86
N TRP A 93 10.22 5.29 21.56
CA TRP A 93 10.31 5.99 22.87
C TRP A 93 9.97 7.45 22.75
N ASN A 94 10.43 8.09 21.68
CA ASN A 94 10.21 9.54 21.47
C ASN A 94 10.49 9.97 20.01
N ALA A 95 10.17 11.20 19.69
CA ALA A 95 10.43 11.71 18.35
C ALA A 95 11.90 11.61 17.88
N GLN A 96 12.87 11.78 18.77
CA GLN A 96 14.27 11.72 18.33
C GLN A 96 14.63 10.35 17.82
N GLU A 97 14.09 9.30 18.46
CA GLU A 97 14.41 7.94 18.04
C GLU A 97 13.90 7.62 16.62
N CYS A 98 12.73 8.16 16.30
CA CYS A 98 12.15 8.09 14.97
C CYS A 98 12.97 8.93 13.99
N ILE A 99 13.38 10.13 14.38
CA ILE A 99 14.19 10.94 13.48
C ILE A 99 15.53 10.26 13.14
N GLN A 100 16.14 9.58 14.10
CA GLN A 100 17.35 8.84 13.82
C GLN A 100 17.15 7.82 12.71
N ASP A 101 15.99 7.13 12.74
CA ASP A 101 15.67 6.12 11.74
C ASP A 101 15.56 6.74 10.34
N PHE A 102 14.84 7.86 10.21
CA PHE A 102 14.83 8.57 8.92
C PHE A 102 16.24 8.84 8.45
N ASN A 103 17.09 9.31 9.36
CA ASN A 103 18.47 9.62 9.00
C ASN A 103 19.26 8.36 8.67
N THR A 104 19.03 7.28 9.43
CA THR A 104 19.70 6.01 9.14
C THR A 104 19.37 5.53 7.73
N MET A 105 18.11 5.68 7.32
CA MET A 105 17.70 5.32 5.96
C MET A 105 18.50 6.07 4.91
N PHE A 106 18.67 7.37 5.11
CA PHE A 106 19.44 8.17 4.18
C PHE A 106 20.93 7.82 4.22
N THR A 107 21.53 7.75 5.40
CA THR A 107 22.98 7.45 5.49
C THR A 107 23.27 6.02 5.06
N ASN A 108 22.37 5.06 5.35
CA ASN A 108 22.49 3.70 4.80
C ASN A 108 22.61 3.77 3.28
N CYS A 109 21.76 4.58 2.66
CA CYS A 109 21.77 4.69 1.19
C CYS A 109 23.06 5.33 0.67
N TYR A 110 23.58 6.33 1.38
CA TYR A 110 24.83 7.00 0.95
C TYR A 110 26.09 6.14 1.19
N ILE A 111 26.05 5.32 2.23
CA ILE A 111 27.14 4.38 2.52
C ILE A 111 27.29 3.35 1.41
N TYR A 112 26.19 2.65 1.12
CA TYR A 112 26.24 1.48 0.25
C TYR A 112 26.45 1.83 -1.21
N ASN A 113 25.93 2.96 -1.66
CA ASN A 113 25.88 3.33 -3.08
C ASN A 113 26.91 4.39 -3.42
N LYS A 114 27.37 4.45 -4.68
CA LYS A 114 28.36 5.46 -5.13
C LYS A 114 27.64 6.81 -5.32
N PRO A 115 28.34 7.93 -5.04
CA PRO A 115 27.65 9.23 -5.29
C PRO A 115 27.40 9.39 -6.77
N GLY A 116 26.31 10.04 -7.12
CA GLY A 116 25.95 10.17 -8.52
C GLY A 116 24.92 9.16 -8.89
N ASP A 117 25.00 7.93 -8.36
CA ASP A 117 23.92 6.94 -8.52
C ASP A 117 22.54 7.57 -8.33
N ASP A 118 21.58 7.12 -9.14
CA ASP A 118 20.22 7.65 -9.13
C ASP A 118 19.55 7.53 -7.74
N ILE A 119 19.70 6.35 -7.12
CA ILE A 119 19.14 6.09 -5.79
C ILE A 119 19.63 7.10 -4.76
N VAL A 120 20.86 7.57 -4.94
CA VAL A 120 21.41 8.63 -4.08
C VAL A 120 20.76 9.99 -4.34
N LEU A 121 20.55 10.34 -5.60
CA LEU A 121 19.85 11.60 -5.94
C LEU A 121 18.43 11.60 -5.38
N MET A 122 17.80 10.43 -5.47
CA MET A 122 16.49 10.23 -4.90
C MET A 122 16.51 10.45 -3.37
N ALA A 123 17.44 9.79 -2.67
CA ALA A 123 17.55 9.95 -1.22
C ALA A 123 17.85 11.40 -0.86
N GLU A 124 18.66 12.06 -1.67
CA GLU A 124 19.03 13.47 -1.42
C GLU A 124 17.79 14.37 -1.49
N ALA A 125 16.94 14.19 -2.49
CA ALA A 125 15.68 14.95 -2.62
C ALA A 125 14.76 14.72 -1.41
N LEU A 126 14.65 13.44 -1.02
CA LEU A 126 13.86 13.06 0.13
C LEU A 126 14.42 13.65 1.41
N GLU A 127 15.75 13.73 1.50
CA GLU A 127 16.38 14.35 2.66
C GLU A 127 16.10 15.89 2.75
N LYS A 128 16.18 16.64 1.65
CA LYS A 128 15.85 18.09 1.67
C LYS A 128 14.50 18.27 2.33
N LEU A 129 13.57 17.49 1.80
CA LEU A 129 12.20 17.63 2.12
C LEU A 129 11.96 17.27 3.57
N PHE A 130 12.54 16.15 3.99
CA PHE A 130 12.48 15.69 5.37
C PHE A 130 12.92 16.80 6.33
N LEU A 131 14.06 17.43 6.03
CA LEU A 131 14.61 18.50 6.89
C LEU A 131 13.76 19.76 6.90
N GLN A 132 13.21 20.14 5.74
CA GLN A 132 12.19 21.17 5.69
C GLN A 132 11.08 20.89 6.68
N LYS A 133 10.47 19.72 6.55
CA LYS A 133 9.30 19.40 7.35
C LYS A 133 9.61 19.28 8.84
N ILE A 134 10.81 18.82 9.17
CA ILE A 134 11.32 18.79 10.54
C ILE A 134 11.43 20.19 11.15
N ASN A 135 11.76 21.21 10.34
CA ASN A 135 11.90 22.59 10.84
C ASN A 135 10.59 23.23 11.30
N GLU A 136 9.46 22.69 10.86
CA GLU A 136 8.14 23.17 11.32
C GLU A 136 7.52 22.22 12.37
N LEU A 137 8.36 21.56 13.16
CA LEU A 137 7.93 20.57 14.16
C LEU A 137 7.40 21.31 15.43
N PRO A 138 6.25 20.88 16.01
CA PRO A 138 5.83 21.43 17.33
C PRO A 138 6.75 20.96 18.47
N THR A 139 6.93 21.73 19.57
CA THR A 139 7.95 21.35 20.59
C THR A 139 7.50 20.25 21.57
N ARG B 31 -5.59 -31.42 -15.90
CA ARG B 31 -5.59 -29.95 -15.63
C ARG B 31 -4.17 -29.37 -15.66
N GLN B 32 -3.25 -30.05 -14.98
CA GLN B 32 -1.82 -29.69 -14.90
C GLN B 32 -0.96 -30.54 -15.88
N THR B 33 -0.75 -30.02 -17.09
CA THR B 33 0.10 -30.68 -18.10
C THR B 33 1.60 -30.64 -17.72
N ASN B 34 2.32 -31.71 -18.08
CA ASN B 34 3.76 -31.71 -18.26
C ASN B 34 4.39 -30.31 -18.65
N GLN B 35 3.73 -29.59 -19.57
CA GLN B 35 4.19 -28.29 -20.07
C GLN B 35 4.01 -27.11 -19.12
N LEU B 36 2.90 -27.12 -18.38
CA LEU B 36 2.65 -26.10 -17.36
C LEU B 36 3.64 -26.24 -16.21
N GLN B 37 4.07 -27.46 -15.90
CA GLN B 37 5.15 -27.67 -14.92
C GLN B 37 6.40 -27.00 -15.39
N TYR B 38 6.78 -27.25 -16.64
CA TYR B 38 7.95 -26.62 -17.22
C TYR B 38 7.88 -25.10 -17.07
N LEU B 39 6.71 -24.52 -17.33
CA LEU B 39 6.57 -23.07 -17.23
C LEU B 39 6.76 -22.56 -15.83
N LEU B 40 6.29 -23.32 -14.85
CA LEU B 40 6.42 -22.95 -13.46
C LEU B 40 7.87 -23.17 -12.99
N ARG B 41 8.34 -24.40 -13.09
CA ARG B 41 9.64 -24.82 -12.54
C ARG B 41 10.87 -24.31 -13.29
N VAL B 42 10.78 -24.19 -14.60
CA VAL B 42 11.89 -23.72 -15.42
C VAL B 42 11.74 -22.27 -15.91
N VAL B 43 10.69 -21.98 -16.66
CA VAL B 43 10.60 -20.68 -17.34
C VAL B 43 10.45 -19.52 -16.34
N LEU B 44 9.39 -19.58 -15.54
CA LEU B 44 9.12 -18.59 -14.50
C LEU B 44 10.23 -18.50 -13.46
N LYS B 45 10.77 -19.62 -13.02
CA LYS B 45 11.83 -19.61 -12.00
C LYS B 45 13.04 -18.88 -12.53
N THR B 46 13.44 -19.22 -13.76
CA THR B 46 14.57 -18.58 -14.40
C THR B 46 14.37 -17.08 -14.47
N LEU B 47 13.21 -16.66 -14.96
CA LEU B 47 12.96 -15.22 -15.14
C LEU B 47 12.88 -14.49 -13.82
N TRP B 48 12.31 -15.13 -12.81
CA TRP B 48 12.13 -14.53 -11.49
C TRP B 48 13.45 -14.19 -10.79
N LYS B 49 14.36 -15.17 -10.82
CA LYS B 49 15.72 -15.05 -10.27
C LYS B 49 16.61 -13.99 -10.94
N HIS B 50 16.30 -13.65 -12.19
CA HIS B 50 17.12 -12.75 -12.99
C HIS B 50 17.14 -11.37 -12.34
N GLN B 51 18.21 -10.64 -12.54
CA GLN B 51 18.43 -9.36 -11.82
C GLN B 51 17.43 -8.28 -12.19
N PHE B 52 17.03 -8.31 -13.46
CA PHE B 52 16.03 -7.39 -14.00
C PHE B 52 14.57 -7.78 -13.74
N ALA B 53 14.30 -8.87 -13.04
CA ALA B 53 12.92 -9.32 -12.80
C ALA B 53 12.05 -8.40 -11.93
N TRP B 54 12.66 -7.68 -10.99
CA TRP B 54 11.89 -7.04 -9.92
C TRP B 54 10.74 -6.10 -10.36
N PRO B 55 10.90 -5.31 -11.43
CA PRO B 55 9.78 -4.42 -11.82
C PRO B 55 8.58 -5.16 -12.46
N PHE B 56 8.77 -6.41 -12.81
CA PHE B 56 7.74 -7.25 -13.40
C PHE B 56 7.20 -8.32 -12.47
N GLN B 57 7.51 -8.25 -11.15
CA GLN B 57 7.06 -9.27 -10.17
C GLN B 57 5.74 -8.93 -9.48
N GLN B 58 5.17 -7.77 -9.82
CA GLN B 58 3.86 -7.35 -9.34
C GLN B 58 3.30 -6.31 -10.34
N PRO B 59 2.00 -6.03 -10.29
CA PRO B 59 1.45 -5.02 -11.21
C PRO B 59 2.14 -3.68 -11.06
N VAL B 60 2.22 -2.92 -12.14
CA VAL B 60 2.72 -1.54 -12.07
C VAL B 60 1.81 -0.76 -11.11
N ASP B 61 2.37 -0.15 -10.06
CA ASP B 61 1.57 0.71 -9.15
C ASP B 61 1.60 2.15 -9.69
N ALA B 62 0.56 2.47 -10.46
CA ALA B 62 0.47 3.75 -11.17
C ALA B 62 0.19 4.92 -10.22
N VAL B 63 -0.30 4.58 -9.03
CA VAL B 63 -0.53 5.56 -7.97
C VAL B 63 0.80 6.05 -7.41
N LYS B 64 1.66 5.11 -7.01
CA LYS B 64 3.00 5.47 -6.55
C LYS B 64 3.71 6.31 -7.59
N LEU B 65 3.71 5.87 -8.84
CA LEU B 65 4.59 6.45 -9.84
C LEU B 65 4.06 7.71 -10.53
N ASN B 66 2.86 8.18 -10.17
CA ASN B 66 2.18 9.30 -10.86
C ASN B 66 1.97 9.00 -12.33
N LEU B 67 1.29 7.88 -12.60
CA LEU B 67 0.96 7.49 -13.98
C LEU B 67 -0.57 7.39 -14.09
N PRO B 68 -1.26 8.55 -14.17
CA PRO B 68 -2.72 8.50 -14.32
C PRO B 68 -3.15 7.87 -15.66
N ASP B 69 -2.37 8.10 -16.72
N ASP B 69 -2.37 8.12 -16.72
CA ASP B 69 -2.63 7.56 -18.04
CA ASP B 69 -2.67 7.61 -18.05
C ASP B 69 -2.44 6.06 -18.15
C ASP B 69 -2.27 6.13 -18.26
N TYR B 70 -1.60 5.47 -17.29
CA TYR B 70 -1.18 4.05 -17.47
C TYR B 70 -2.30 3.04 -17.68
N TYR B 71 -3.21 2.94 -16.73
CA TYR B 71 -4.28 1.94 -16.83
C TYR B 71 -5.37 2.27 -17.86
N LYS B 72 -5.34 3.47 -18.45
CA LYS B 72 -6.19 3.83 -19.60
C LYS B 72 -5.56 3.32 -20.89
N ILE B 73 -4.26 3.51 -21.02
CA ILE B 73 -3.50 3.04 -22.17
C ILE B 73 -3.29 1.53 -22.19
N ILE B 74 -3.08 0.90 -21.04
CA ILE B 74 -2.86 -0.55 -21.00
C ILE B 74 -4.15 -1.24 -20.65
N LYS B 75 -4.75 -1.80 -21.71
CA LYS B 75 -6.06 -2.43 -21.68
C LYS B 75 -6.05 -3.60 -20.68
N THR B 76 -5.13 -4.53 -20.85
CA THR B 76 -5.02 -5.70 -19.98
C THR B 76 -3.58 -5.82 -19.45
N PRO B 77 -3.34 -5.32 -18.23
CA PRO B 77 -2.03 -5.44 -17.63
C PRO B 77 -1.71 -6.87 -17.19
N MET B 78 -0.43 -7.13 -17.03
CA MET B 78 0.06 -8.45 -16.64
C MET B 78 1.48 -8.32 -16.10
N ASP B 79 1.81 -9.27 -15.24
CA ASP B 79 3.10 -9.32 -14.56
C ASP B 79 3.39 -10.75 -14.13
N MET B 80 4.63 -11.03 -13.76
CA MET B 80 5.02 -12.38 -13.35
C MET B 80 4.41 -12.80 -12.02
N GLY B 81 4.08 -11.83 -11.17
CA GLY B 81 3.38 -12.10 -9.94
C GLY B 81 2.06 -12.77 -10.21
N THR B 82 1.31 -12.18 -11.13
CA THR B 82 0.00 -12.68 -11.54
C THR B 82 0.14 -14.02 -12.25
N ILE B 83 1.05 -14.09 -13.22
CA ILE B 83 1.32 -15.34 -13.92
C ILE B 83 1.62 -16.46 -12.92
N LYS B 84 2.42 -16.14 -11.91
CA LYS B 84 2.81 -17.10 -10.88
C LYS B 84 1.61 -17.62 -10.15
N LYS B 85 0.72 -16.70 -9.79
CA LYS B 85 -0.50 -17.03 -9.03
C LYS B 85 -1.40 -17.97 -9.85
N ARG B 86 -1.46 -17.72 -11.15
CA ARG B 86 -2.27 -18.49 -12.09
C ARG B 86 -1.76 -19.90 -12.28
N LEU B 87 -0.44 -20.05 -12.30
CA LEU B 87 0.14 -21.37 -12.44
C LEU B 87 -0.13 -22.16 -11.17
N GLU B 88 0.04 -21.49 -10.03
CA GLU B 88 -0.14 -22.12 -8.70
C GLU B 88 -1.60 -22.51 -8.40
N ASN B 89 -2.51 -21.71 -8.94
CA ASN B 89 -3.92 -21.88 -8.65
C ASN B 89 -4.74 -22.30 -9.88
N ASN B 90 -4.10 -23.10 -10.74
CA ASN B 90 -4.73 -23.88 -11.79
C ASN B 90 -5.63 -23.07 -12.72
N TYR B 91 -5.26 -21.84 -13.00
CA TYR B 91 -6.07 -20.93 -13.80
C TYR B 91 -6.07 -21.31 -15.28
N TYR B 92 -4.89 -21.59 -15.81
CA TYR B 92 -4.71 -21.73 -17.24
C TYR B 92 -5.38 -22.98 -17.84
N TRP B 93 -6.05 -22.81 -18.98
CA TRP B 93 -6.58 -23.92 -19.79
C TRP B 93 -5.44 -24.85 -20.27
N ASN B 94 -4.29 -24.28 -20.58
CA ASN B 94 -3.09 -25.05 -20.92
C ASN B 94 -1.89 -24.10 -21.03
N ALA B 95 -0.71 -24.64 -21.28
CA ALA B 95 0.50 -23.81 -21.35
C ALA B 95 0.44 -22.62 -22.30
N GLN B 96 -0.34 -22.71 -23.37
CA GLN B 96 -0.28 -21.68 -24.41
C GLN B 96 -0.94 -20.38 -23.99
N GLU B 97 -1.88 -20.48 -23.04
CA GLU B 97 -2.50 -19.31 -22.42
C GLU B 97 -1.50 -18.59 -21.49
N CYS B 98 -0.72 -19.36 -20.73
CA CYS B 98 0.34 -18.80 -19.91
C CYS B 98 1.36 -18.09 -20.75
N ILE B 99 1.73 -18.68 -21.88
CA ILE B 99 2.65 -18.02 -22.80
C ILE B 99 2.08 -16.69 -23.28
N GLN B 100 0.79 -16.68 -23.63
CA GLN B 100 0.16 -15.42 -24.02
C GLN B 100 0.39 -14.33 -22.98
N ASP B 101 0.26 -14.66 -21.69
CA ASP B 101 0.46 -13.71 -20.58
C ASP B 101 1.88 -13.15 -20.50
N PHE B 102 2.88 -14.00 -20.63
CA PHE B 102 4.26 -13.50 -20.75
C PHE B 102 4.36 -12.48 -21.90
N ASN B 103 3.80 -12.82 -23.06
CA ASN B 103 3.85 -11.93 -24.21
C ASN B 103 3.16 -10.59 -23.92
N THR B 104 2.01 -10.64 -23.22
CA THR B 104 1.26 -9.42 -22.91
C THR B 104 2.10 -8.52 -22.00
N MET B 105 2.76 -9.12 -21.01
CA MET B 105 3.67 -8.39 -20.11
C MET B 105 4.73 -7.61 -20.88
N PHE B 106 5.44 -8.31 -21.77
CA PHE B 106 6.49 -7.67 -22.55
C PHE B 106 5.90 -6.56 -23.45
N THR B 107 4.87 -6.87 -24.24
CA THR B 107 4.33 -5.85 -25.14
C THR B 107 3.68 -4.69 -24.39
N ASN B 108 3.05 -4.96 -23.24
CA ASN B 108 2.53 -3.87 -22.42
C ASN B 108 3.63 -2.88 -22.12
N CYS B 109 4.78 -3.40 -21.69
CA CYS B 109 5.95 -2.58 -21.41
C CYS B 109 6.38 -1.82 -22.65
N TYR B 110 6.46 -2.50 -23.80
CA TYR B 110 6.83 -1.83 -25.06
C TYR B 110 5.82 -0.78 -25.54
N ILE B 111 4.53 -0.98 -25.25
CA ILE B 111 3.48 -0.02 -25.65
C ILE B 111 3.62 1.28 -24.87
N TYR B 112 3.61 1.21 -23.53
CA TYR B 112 3.61 2.40 -22.64
C TYR B 112 4.89 3.22 -22.69
N ASN B 113 6.02 2.54 -22.80
CA ASN B 113 7.34 3.15 -22.62
C ASN B 113 8.02 3.50 -23.95
N LYS B 114 8.96 4.44 -23.86
CA LYS B 114 9.77 4.88 -24.99
C LYS B 114 10.76 3.75 -25.33
N PRO B 115 11.09 3.55 -26.62
CA PRO B 115 12.25 2.69 -26.92
C PRO B 115 13.54 3.26 -26.32
N GLY B 116 14.42 2.37 -25.85
CA GLY B 116 15.66 2.80 -25.19
C GLY B 116 15.58 3.17 -23.71
N ASP B 117 14.38 3.24 -23.12
CA ASP B 117 14.25 3.44 -21.67
C ASP B 117 14.83 2.24 -20.93
N ASP B 118 15.30 2.49 -19.71
CA ASP B 118 15.82 1.43 -18.84
C ASP B 118 14.91 0.19 -18.85
N ILE B 119 13.64 0.45 -18.53
CA ILE B 119 12.61 -0.60 -18.36
C ILE B 119 12.41 -1.43 -19.64
N VAL B 120 12.46 -0.79 -20.80
CA VAL B 120 12.33 -1.49 -22.07
C VAL B 120 13.51 -2.47 -22.29
N LEU B 121 14.74 -2.01 -22.06
CA LEU B 121 15.93 -2.88 -22.19
C LEU B 121 15.88 -4.05 -21.18
N MET B 122 15.34 -3.77 -20.00
CA MET B 122 15.09 -4.83 -19.02
C MET B 122 14.08 -5.86 -19.52
N ALA B 123 12.96 -5.39 -20.07
CA ALA B 123 11.97 -6.29 -20.66
C ALA B 123 12.57 -7.11 -21.78
N GLU B 124 13.34 -6.45 -22.65
CA GLU B 124 14.03 -7.13 -23.76
C GLU B 124 15.01 -8.22 -23.31
N ALA B 125 15.77 -7.93 -22.27
CA ALA B 125 16.63 -8.96 -21.67
C ALA B 125 15.82 -10.19 -21.21
N LEU B 126 14.75 -9.93 -20.47
CA LEU B 126 13.88 -11.00 -19.96
C LEU B 126 13.17 -11.75 -21.10
N GLU B 127 12.68 -11.02 -22.11
CA GLU B 127 11.99 -11.62 -23.27
C GLU B 127 12.93 -12.53 -24.04
N LYS B 128 14.16 -12.08 -24.25
CA LYS B 128 15.15 -12.88 -24.97
C LYS B 128 15.37 -14.21 -24.26
N LEU B 129 15.53 -14.13 -22.94
CA LEU B 129 15.72 -15.29 -22.09
C LEU B 129 14.50 -16.20 -22.07
N PHE B 130 13.33 -15.59 -21.96
CA PHE B 130 12.07 -16.32 -22.05
C PHE B 130 12.02 -17.14 -23.34
N LEU B 131 12.36 -16.50 -24.47
CA LEU B 131 12.32 -17.20 -25.76
C LEU B 131 13.32 -18.36 -25.87
N GLN B 132 14.49 -18.23 -25.24
CA GLN B 132 15.43 -19.33 -25.15
C GLN B 132 14.80 -20.50 -24.44
N LYS B 133 14.19 -20.25 -23.29
CA LYS B 133 13.64 -21.31 -22.46
C LYS B 133 12.39 -21.95 -23.05
N ILE B 134 11.58 -21.14 -23.73
CA ILE B 134 10.39 -21.62 -24.42
C ILE B 134 10.69 -22.62 -25.54
N ASN B 135 11.84 -22.47 -26.19
CA ASN B 135 12.25 -23.40 -27.25
C ASN B 135 12.39 -24.85 -26.81
N GLU B 136 12.91 -25.10 -25.61
CA GLU B 136 13.03 -26.47 -25.07
C GLU B 136 11.76 -26.97 -24.36
N LEU B 137 10.59 -26.43 -24.73
CA LEU B 137 9.30 -26.84 -24.14
C LEU B 137 8.95 -28.26 -24.60
N PRO B 138 8.54 -29.16 -23.68
CA PRO B 138 8.20 -30.56 -24.06
C PRO B 138 6.83 -30.77 -24.81
N THR B 139 6.41 -32.03 -24.96
CA THR B 139 5.04 -32.39 -25.44
C THR B 139 4.59 -33.69 -24.77
N LYS C 30 -14.51 12.79 38.09
CA LYS C 30 -13.14 13.37 37.89
C LYS C 30 -12.06 12.34 37.46
N ARG C 31 -12.39 11.06 37.23
CA ARG C 31 -11.39 10.09 36.71
C ARG C 31 -11.01 10.50 35.28
N GLN C 32 -9.74 10.86 35.08
CA GLN C 32 -9.22 11.21 33.75
C GLN C 32 -9.06 9.96 32.88
N THR C 33 -10.07 9.67 32.06
CA THR C 33 -9.98 8.60 31.07
C THR C 33 -9.76 9.34 29.75
N ASN C 34 -8.98 8.72 28.87
CA ASN C 34 -8.61 9.31 27.59
C ASN C 34 -9.76 9.10 26.58
N GLN C 35 -10.07 10.18 25.88
CA GLN C 35 -11.21 10.21 24.97
C GLN C 35 -11.09 9.17 23.86
N LEU C 36 -9.95 9.17 23.16
CA LEU C 36 -9.74 8.20 22.07
C LEU C 36 -9.72 6.75 22.58
N GLN C 37 -9.11 6.49 23.74
CA GLN C 37 -9.22 5.15 24.35
C GLN C 37 -10.68 4.75 24.53
N TYR C 38 -11.48 5.68 25.04
CA TYR C 38 -12.88 5.42 25.31
C TYR C 38 -13.51 5.06 23.98
N LEU C 39 -13.22 5.86 22.95
CA LEU C 39 -13.80 5.61 21.64
C LEU C 39 -13.53 4.22 21.12
N LEU C 40 -12.31 3.72 21.35
CA LEU C 40 -11.94 2.37 20.93
C LEU C 40 -12.60 1.26 21.76
N ARG C 41 -12.49 1.36 23.08
CA ARG C 41 -12.88 0.26 23.98
C ARG C 41 -14.35 0.20 24.32
N VAL C 42 -15.01 1.36 24.28
CA VAL C 42 -16.41 1.48 24.64
C VAL C 42 -17.25 1.74 23.39
N VAL C 43 -16.99 2.85 22.70
CA VAL C 43 -17.93 3.29 21.66
C VAL C 43 -17.88 2.32 20.48
N LEU C 44 -16.71 2.20 19.87
CA LEU C 44 -16.51 1.30 18.77
C LEU C 44 -16.93 -0.13 19.12
N LYS C 45 -16.44 -0.65 20.23
CA LYS C 45 -16.78 -2.02 20.65
C LYS C 45 -18.29 -2.26 20.65
N THR C 46 -19.04 -1.31 21.17
CA THR C 46 -20.50 -1.43 21.30
C THR C 46 -21.14 -1.47 19.91
N LEU C 47 -20.84 -0.46 19.09
CA LEU C 47 -21.36 -0.36 17.70
C LEU C 47 -20.97 -1.58 16.89
N TRP C 48 -19.71 -1.98 17.03
CA TRP C 48 -19.17 -3.12 16.29
C TRP C 48 -19.95 -4.40 16.52
N LYS C 49 -20.33 -4.66 17.77
CA LYS C 49 -21.01 -5.92 18.15
C LYS C 49 -22.52 -5.92 17.87
N HIS C 50 -23.07 -4.73 17.55
CA HIS C 50 -24.49 -4.54 17.27
C HIS C 50 -24.97 -5.43 16.12
N GLN C 51 -26.24 -5.78 16.18
CA GLN C 51 -26.91 -6.62 15.21
C GLN C 51 -26.74 -6.14 13.75
N PHE C 52 -26.80 -4.83 13.54
CA PHE C 52 -26.80 -4.18 12.22
C PHE C 52 -25.43 -3.63 11.82
N ALA C 53 -24.37 -4.07 12.46
CA ALA C 53 -23.02 -3.52 12.20
C ALA C 53 -22.36 -4.06 10.95
N TRP C 54 -22.68 -5.29 10.58
CA TRP C 54 -21.96 -6.01 9.53
C TRP C 54 -21.79 -5.31 8.18
N PRO C 55 -22.82 -4.59 7.69
CA PRO C 55 -22.56 -3.90 6.41
C PRO C 55 -21.62 -2.69 6.50
N PHE C 56 -21.28 -2.25 7.72
CA PHE C 56 -20.42 -1.08 7.97
C PHE C 56 -19.01 -1.43 8.47
N GLN C 57 -18.67 -2.71 8.51
CA GLN C 57 -17.42 -3.19 9.12
C GLN C 57 -16.23 -3.20 8.16
N GLN C 58 -16.55 -3.05 6.87
CA GLN C 58 -15.58 -2.91 5.79
C GLN C 58 -16.12 -1.81 4.88
N PRO C 59 -15.32 -1.33 3.91
CA PRO C 59 -15.88 -0.39 2.95
C PRO C 59 -16.98 -1.01 2.10
N VAL C 60 -17.80 -0.17 1.48
CA VAL C 60 -18.85 -0.66 0.59
C VAL C 60 -18.17 -1.16 -0.67
N ASP C 61 -18.38 -2.43 -1.01
CA ASP C 61 -17.75 -3.03 -2.18
C ASP C 61 -18.59 -2.72 -3.42
N ALA C 62 -18.24 -1.66 -4.14
CA ALA C 62 -19.02 -1.19 -5.30
C ALA C 62 -19.08 -2.21 -6.45
N VAL C 63 -17.98 -2.90 -6.70
CA VAL C 63 -17.93 -3.97 -7.69
C VAL C 63 -18.83 -5.14 -7.24
N LYS C 64 -18.49 -5.77 -6.12
CA LYS C 64 -19.17 -6.97 -5.62
C LYS C 64 -20.71 -6.82 -5.62
N LEU C 65 -21.20 -5.61 -5.33
CA LEU C 65 -22.62 -5.26 -5.34
C LEU C 65 -23.13 -4.67 -6.65
N ASN C 66 -22.20 -4.13 -7.45
CA ASN C 66 -22.50 -3.59 -8.77
C ASN C 66 -23.33 -2.32 -8.61
N LEU C 67 -22.66 -1.26 -8.16
CA LEU C 67 -23.24 0.08 -8.13
C LEU C 67 -22.11 1.09 -8.41
N PRO C 68 -21.77 1.29 -9.72
CA PRO C 68 -20.52 1.98 -10.06
C PRO C 68 -20.48 3.49 -9.75
N ASP C 69 -21.64 4.08 -9.58
CA ASP C 69 -21.77 5.47 -9.14
C ASP C 69 -21.38 5.75 -7.69
N TYR C 70 -21.26 4.73 -6.82
CA TYR C 70 -21.04 4.97 -5.37
C TYR C 70 -19.87 5.91 -5.14
N TYR C 71 -18.72 5.58 -5.70
CA TYR C 71 -17.50 6.35 -5.49
C TYR C 71 -17.44 7.65 -6.28
N LYS C 72 -18.33 7.79 -7.27
CA LYS C 72 -18.59 9.08 -7.93
C LYS C 72 -19.41 9.99 -6.99
N ILE C 73 -20.49 9.46 -6.42
CA ILE C 73 -21.38 10.21 -5.50
C ILE C 73 -20.72 10.47 -4.11
N ILE C 74 -20.26 9.41 -3.44
CA ILE C 74 -19.65 9.54 -2.12
C ILE C 74 -18.19 9.92 -2.26
N LYS C 75 -17.96 11.23 -2.19
CA LYS C 75 -16.65 11.83 -2.29
C LYS C 75 -15.70 11.20 -1.26
N THR C 76 -16.11 11.21 0.01
CA THR C 76 -15.28 10.76 1.15
C THR C 76 -15.81 9.50 1.84
N PRO C 77 -15.46 8.30 1.34
CA PRO C 77 -16.01 7.06 1.92
C PRO C 77 -15.47 6.79 3.31
N MET C 78 -16.18 5.95 4.07
CA MET C 78 -15.82 5.65 5.46
C MET C 78 -16.59 4.47 6.05
N ASP C 79 -15.89 3.68 6.85
CA ASP C 79 -16.53 2.58 7.55
C ASP C 79 -15.87 2.35 8.91
N MET C 80 -16.48 1.48 9.70
CA MET C 80 -15.98 1.18 11.03
C MET C 80 -14.65 0.43 11.00
N GLY C 81 -14.45 -0.42 9.99
CA GLY C 81 -13.17 -1.08 9.76
C GLY C 81 -12.00 -0.09 9.69
N THR C 82 -12.21 0.97 8.90
CA THR C 82 -11.23 2.04 8.74
C THR C 82 -11.06 2.87 10.02
N ILE C 83 -12.17 3.11 10.73
CA ILE C 83 -12.12 3.87 11.99
C ILE C 83 -11.31 3.07 13.01
N LYS C 84 -11.60 1.78 13.09
CA LYS C 84 -10.90 0.84 13.96
C LYS C 84 -9.40 0.81 13.69
N LYS C 85 -9.05 0.75 12.41
CA LYS C 85 -7.66 0.77 12.01
C LYS C 85 -7.01 2.09 12.45
N ARG C 86 -7.71 3.21 12.24
CA ARG C 86 -7.16 4.51 12.62
C ARG C 86 -6.95 4.69 14.12
N LEU C 87 -7.86 4.15 14.91
CA LEU C 87 -7.73 4.17 16.37
C LEU C 87 -6.56 3.28 16.83
N GLU C 88 -6.39 2.14 16.16
CA GLU C 88 -5.29 1.18 16.45
C GLU C 88 -3.90 1.57 15.93
N ASN C 89 -3.86 2.52 15.01
CA ASN C 89 -2.59 2.90 14.43
C ASN C 89 -2.32 4.39 14.52
N ASN C 90 -2.71 4.96 15.67
CA ASN C 90 -2.36 6.33 16.07
C ASN C 90 -2.59 7.37 15.00
N TYR C 91 -3.66 7.20 14.24
CA TYR C 91 -3.97 8.12 13.14
C TYR C 91 -4.53 9.43 13.70
N TYR C 92 -5.58 9.35 14.50
CA TYR C 92 -6.35 10.53 14.88
C TYR C 92 -5.58 11.54 15.76
N TRP C 93 -5.66 12.80 15.34
CA TRP C 93 -5.16 13.95 16.12
C TRP C 93 -5.82 14.07 17.47
N ASN C 94 -7.15 13.95 17.50
CA ASN C 94 -7.99 14.11 18.71
C ASN C 94 -9.33 13.38 18.56
N ALA C 95 -10.10 13.30 19.65
CA ALA C 95 -11.34 12.56 19.60
C ALA C 95 -12.37 13.16 18.63
N GLN C 96 -12.32 14.47 18.40
CA GLN C 96 -13.24 15.12 17.45
C GLN C 96 -13.06 14.56 16.04
N GLU C 97 -11.82 14.38 15.64
CA GLU C 97 -11.55 13.81 14.32
C GLU C 97 -12.13 12.40 14.14
N CYS C 98 -12.03 11.56 15.17
CA CYS C 98 -12.59 10.20 15.12
C CYS C 98 -14.10 10.28 14.99
N ILE C 99 -14.73 11.06 15.86
CA ILE C 99 -16.17 11.26 15.83
C ILE C 99 -16.64 11.69 14.44
N GLN C 100 -15.94 12.65 13.85
CA GLN C 100 -16.34 13.11 12.53
C GLN C 100 -16.41 11.99 11.47
N ASP C 101 -15.50 11.03 11.57
CA ASP C 101 -15.50 9.88 10.67
C ASP C 101 -16.75 9.03 10.87
N PHE C 102 -17.21 8.89 12.11
CA PHE C 102 -18.52 8.25 12.32
C PHE C 102 -19.62 9.01 11.58
N ASN C 103 -19.67 10.34 11.74
CA ASN C 103 -20.71 11.16 11.11
C ASN C 103 -20.68 11.02 9.60
N THR C 104 -19.48 11.12 9.04
CA THR C 104 -19.26 10.89 7.63
C THR C 104 -19.82 9.52 7.21
N MET C 105 -19.50 8.45 7.93
CA MET C 105 -20.02 7.11 7.59
C MET C 105 -21.54 7.08 7.51
N PHE C 106 -22.17 7.66 8.53
CA PHE C 106 -23.62 7.70 8.62
C PHE C 106 -24.17 8.58 7.52
N THR C 107 -23.73 9.84 7.49
CA THR C 107 -24.26 10.80 6.53
C THR C 107 -23.97 10.34 5.08
N ASN C 108 -22.84 9.67 4.82
CA ASN C 108 -22.64 8.99 3.52
C ASN C 108 -23.77 8.01 3.23
N CYS C 109 -24.14 7.18 4.19
CA CYS C 109 -25.22 6.21 3.98
C CYS C 109 -26.55 6.86 3.63
N TYR C 110 -26.85 7.97 4.31
CA TYR C 110 -28.09 8.72 4.08
C TYR C 110 -28.16 9.38 2.70
N ILE C 111 -27.06 10.02 2.28
CA ILE C 111 -26.95 10.61 0.94
C ILE C 111 -27.24 9.57 -0.14
N TYR C 112 -26.39 8.55 -0.20
CA TYR C 112 -26.45 7.57 -1.27
C TYR C 112 -27.78 6.81 -1.35
N ASN C 113 -28.37 6.50 -0.20
CA ASN C 113 -29.55 5.66 -0.19
C ASN C 113 -30.85 6.45 -0.11
N LYS C 114 -31.95 5.75 -0.41
CA LYS C 114 -33.30 6.33 -0.40
C LYS C 114 -33.73 6.26 1.06
N PRO C 115 -34.18 7.40 1.66
CA PRO C 115 -34.72 7.34 3.03
C PRO C 115 -35.71 6.18 3.25
N GLY C 116 -35.67 5.59 4.44
CA GLY C 116 -36.41 4.36 4.74
C GLY C 116 -36.08 3.09 3.93
N ASP C 117 -34.86 2.96 3.40
CA ASP C 117 -34.32 1.63 2.98
C ASP C 117 -33.80 0.90 4.22
N ASP C 118 -33.70 -0.44 4.16
CA ASP C 118 -33.15 -1.23 5.28
C ASP C 118 -31.80 -0.69 5.80
N ILE C 119 -30.86 -0.46 4.88
CA ILE C 119 -29.55 0.07 5.23
C ILE C 119 -29.62 1.38 6.03
N VAL C 120 -30.57 2.23 5.69
CA VAL C 120 -30.70 3.53 6.35
C VAL C 120 -31.27 3.34 7.76
N LEU C 121 -32.19 2.39 7.91
CA LEU C 121 -32.74 2.09 9.23
C LEU C 121 -31.60 1.52 10.09
N MET C 122 -30.83 0.61 9.50
CA MET C 122 -29.63 0.07 10.14
C MET C 122 -28.71 1.19 10.61
N ALA C 123 -28.44 2.13 9.71
CA ALA C 123 -27.59 3.29 10.04
C ALA C 123 -28.19 4.21 11.10
N GLU C 124 -29.48 4.52 11.01
CA GLU C 124 -30.17 5.34 12.02
C GLU C 124 -30.15 4.69 13.40
N ALA C 125 -30.25 3.37 13.46
CA ALA C 125 -30.13 2.63 14.73
C ALA C 125 -28.76 2.83 15.35
N LEU C 126 -27.71 2.55 14.57
CA LEU C 126 -26.33 2.70 15.01
C LEU C 126 -25.98 4.14 15.32
N GLU C 127 -26.60 5.10 14.63
CA GLU C 127 -26.41 6.51 14.98
C GLU C 127 -27.05 6.91 16.32
N LYS C 128 -28.19 6.32 16.68
CA LYS C 128 -28.82 6.62 17.97
C LYS C 128 -27.88 6.14 19.08
N LEU C 129 -27.43 4.90 18.91
CA LEU C 129 -26.56 4.23 19.86
C LEU C 129 -25.20 4.92 19.99
N PHE C 130 -24.65 5.31 18.84
CA PHE C 130 -23.45 6.14 18.82
C PHE C 130 -23.61 7.36 19.72
N LEU C 131 -24.68 8.11 19.53
CA LEU C 131 -24.89 9.38 20.23
C LEU C 131 -25.20 9.19 21.72
N GLN C 132 -25.80 8.06 22.08
CA GLN C 132 -25.96 7.71 23.50
C GLN C 132 -24.61 7.51 24.14
N LYS C 133 -23.81 6.67 23.51
CA LYS C 133 -22.46 6.34 23.97
C LYS C 133 -21.50 7.54 23.97
N ILE C 134 -21.66 8.45 23.00
CA ILE C 134 -20.86 9.70 22.93
C ILE C 134 -21.12 10.67 24.09
N ASN C 135 -22.35 10.72 24.58
CA ASN C 135 -22.68 11.55 25.73
C ASN C 135 -22.09 11.07 27.05
N GLU C 136 -21.77 9.78 27.15
CA GLU C 136 -20.99 9.25 28.28
C GLU C 136 -19.47 9.60 28.23
N LEU C 137 -19.01 10.28 27.17
CA LEU C 137 -17.58 10.51 26.95
C LEU C 137 -17.00 11.45 28.02
N PRO C 138 -15.93 11.04 28.74
CA PRO C 138 -15.27 11.94 29.69
C PRO C 138 -14.26 12.86 28.99
N THR C 139 -13.77 13.92 29.66
CA THR C 139 -12.75 14.84 29.07
C THR C 139 -11.39 14.15 28.89
CBG JFR D . 25.41 -2.79 -7.29
CBH JFR D . 25.53 -3.39 -8.65
CBI JFR D . 25.80 -2.10 -9.47
CBJ JFR D . 24.75 -1.12 -9.00
CBF JFR D . 24.57 -1.51 -7.51
CBD JFR D . 23.06 -1.69 -7.11
NBE JFR D . 22.48 -0.90 -6.21
NBC JFR D . 22.17 -2.59 -7.55
CBB JFR D . 21.02 -2.35 -6.91
CAK JFR D . 21.22 -1.31 -6.09
CAH JFR D . 20.33 -0.75 -5.24
CAI JFR D . 20.59 -0.04 -4.13
OAG JFR D . 19.06 -0.80 -5.38
CAA JFR D . 18.47 -0.15 -4.36
CAB JFR D . 19.44 0.34 -3.57
CAC JFR D . 19.16 1.05 -2.44
OBK JFR D . 20.04 1.52 -1.70
NAD JFR D . 17.88 1.30 -2.12
CBL JFR D . 17.55 2.08 -0.90
CAE JFR D . 16.86 0.80 -2.95
CAF JFR D . 17.17 0.06 -4.10
CAJ JFR D . 16.11 -0.47 -4.88
CAL JFR D . 15.21 -1.37 -4.26
CAM JFR D . 14.12 -1.96 -4.93
CAQ JFR D . 13.20 -2.87 -4.28
CBM JFR D . 11.86 -2.10 -4.21
CBO JFR D . 13.02 -4.19 -5.06
OBN JFR D . 13.60 -3.33 -2.94
CAN JFR D . 13.92 -1.58 -6.25
CAO JFR D . 14.79 -0.70 -6.89
CAP JFR D . 15.88 -0.14 -6.22
OAR JFR D . 16.78 0.72 -6.77
CAS JFR D . 16.80 0.95 -8.11
CAT JFR D . 16.38 2.21 -8.57
CAZ JFR D . 15.95 3.21 -7.70
CAU JFR D . 16.43 2.46 -9.93
CAV JFR D . 16.87 1.48 -10.83
FAY JFR D . 16.89 1.75 -12.11
CAW JFR D . 17.28 0.23 -10.37
CAX JFR D . 17.26 -0.05 -8.99
CBA JFR D . 17.67 -1.31 -8.55
C1 GOL E . 26.24 2.24 10.34
O1 GOL E . 26.25 3.62 9.95
C2 GOL E . 25.91 1.43 9.09
O2 GOL E . 26.24 0.04 9.18
C3 GOL E . 24.41 1.59 8.76
O3 GOL E . 23.54 0.69 9.45
C1 GOL F . 20.97 2.51 -10.73
O1 GOL F . 20.96 1.50 -11.73
C2 GOL F . 20.77 1.85 -9.36
O2 GOL F . 21.96 1.24 -8.89
C3 GOL F . 20.30 2.87 -8.33
O3 GOL F . 20.77 4.17 -8.66
C1 GOL G . 26.77 10.26 -0.84
O1 GOL G . 27.43 9.41 -1.83
C2 GOL G . 26.86 11.80 -1.04
O2 GOL G . 26.39 12.16 -2.35
C3 GOL G . 26.09 12.52 0.10
O3 GOL G . 24.81 13.06 -0.27
CBG JFR H . 6.44 8.36 -17.59
CBH JFR H . 6.84 9.65 -16.93
CBI JFR H . 8.21 9.80 -17.60
CBJ JFR H . 8.88 8.46 -17.42
CBF JFR H . 7.72 7.47 -17.61
CBD JFR H . 7.65 6.38 -16.50
NBE JFR H . 7.59 5.08 -16.78
NBC JFR H . 7.63 6.57 -15.19
CBB JFR H . 7.56 5.36 -14.63
CAK JFR H . 7.53 4.46 -15.61
CAH JFR H . 7.47 3.13 -15.47
CAI JFR H . 7.06 2.26 -16.38
OAG JFR H . 7.74 2.49 -14.41
CAA JFR H . 7.55 1.18 -14.60
CAB JFR H . 7.12 1.03 -15.86
CAC JFR H . 6.84 -0.18 -16.41
OBK JFR H . 6.46 -0.28 -17.59
NAD JFR H . 6.99 -1.28 -15.64
CBL JFR H . 6.71 -2.63 -16.17
CAE JFR H . 7.45 -1.14 -14.31
CAF JFR H . 7.73 0.12 -13.79
CAJ JFR H . 8.17 0.27 -12.44
CAL JFR H . 7.31 -0.18 -11.41
CAM JFR H . 7.65 -0.08 -10.04
CAQ JFR H . 6.80 -0.54 -8.99
CBM JFR H . 7.60 -1.51 -8.08
CBO JFR H . 6.25 0.66 -8.19
OBN JFR H . 5.66 -1.29 -9.47
CAN JFR H . 8.89 0.47 -9.72
CAO JFR H . 9.74 0.93 -10.71
CAP JFR H . 9.40 0.83 -12.06
OAR JFR H . 10.22 1.25 -13.07
CAS JFR H . 11.39 1.98 -12.88
CAT JFR H . 12.59 1.36 -13.21
CAZ JFR H . 12.69 0.03 -13.70
CAU JFR H . 13.77 2.08 -13.04
CAV JFR H . 13.76 3.39 -12.58
FAY JFR H . 15.00 4.07 -12.45
CAW JFR H . 12.54 4.00 -12.26
CAX JFR H . 11.35 3.30 -12.42
CBA JFR H . 10.14 3.94 -12.08
C1 GOL I . 11.41 5.41 -16.82
O1 GOL I . 11.28 6.32 -15.72
C2 GOL I . 12.46 4.38 -16.48
O2 GOL I . 12.35 3.36 -17.47
C3 GOL I . 13.87 4.99 -16.43
O3 GOL I . 14.49 5.02 -17.73
C1 GOL J . 6.29 -2.01 -4.17
O1 GOL J . 4.86 -1.93 -4.35
C2 GOL J . 6.90 -3.40 -4.42
O2 GOL J . 5.93 -4.46 -4.39
C3 GOL J . 7.96 -3.66 -3.36
O3 GOL J . 8.84 -4.72 -3.78
CBG JFR K . -29.34 0.62 -5.12
CBH JFR K . -30.49 0.62 -6.10
CBI JFR K . -31.50 -0.39 -5.47
CBJ JFR K . -30.70 -1.27 -4.57
CBF JFR K . -29.79 -0.22 -3.94
CBD JFR K . -28.60 -0.84 -3.24
NBE JFR K . -28.02 -0.29 -2.17
NBC JFR K . -28.00 -2.01 -3.54
CBB JFR K . -27.02 -2.15 -2.64
CAK JFR K . -27.02 -1.09 -1.83
CAH JFR K . -26.22 -0.90 -0.77
CAI JFR K . -25.99 0.24 -0.11
OAG JFR K . -25.55 -1.87 -0.17
CAA JFR K . -24.86 -1.33 0.90
CAB JFR K . -25.15 0.00 0.91
CAC JFR K . -24.63 0.83 1.84
OBK JFR K . -24.89 2.04 1.85
NAD JFR K . -23.79 0.33 2.79
CBL JFR K . -23.21 1.23 3.82
CAE JFR K . -23.48 -1.07 2.78
CAF JFR K . -24.04 -1.90 1.80
CAJ JFR K . -23.73 -3.29 1.76
CAL JFR K . -22.39 -3.68 1.65
CAM JFR K . -21.99 -5.04 1.61
CAQ JFR K . -20.60 -5.42 1.47
CBM JFR K . -20.19 -6.28 2.68
CBO JFR K . -20.41 -6.23 0.17
OBN JFR K . -19.70 -4.25 1.42
CAN JFR K . -22.98 -6.03 1.70
CAO JFR K . -24.31 -5.68 1.82
CAP JFR K . -24.70 -4.33 1.85
OAR JFR K . -26.02 -3.92 1.95
CAS JFR K . -27.10 -4.75 1.81
CAT JFR K . -27.91 -4.94 2.94
CAZ JFR K . -27.62 -4.32 4.16
CAU JFR K . -29.03 -5.76 2.82
CAV JFR K . -29.35 -6.36 1.61
FAY JFR K . -30.34 -7.08 1.55
CAW JFR K . -28.53 -6.18 0.49
CAX JFR K . -27.41 -5.36 0.57
CBA JFR K . -26.63 -5.19 -0.58
C1 GOL L . -31.82 -3.19 1.53
O1 GOL L . -32.04 -4.21 0.56
C2 GOL L . -30.78 -2.18 1.06
O2 GOL L . -30.66 -1.19 2.07
C3 GOL L . -31.17 -1.50 -0.25
O3 GOL L . -30.56 -2.21 -1.33
#